data_8H1O
#
_entry.id   8H1O
#
_cell.length_a   1.00
_cell.length_b   1.00
_cell.length_c   1.00
_cell.angle_alpha   90.00
_cell.angle_beta   90.00
_cell.angle_gamma   90.00
#
_symmetry.space_group_name_H-M   'P 1'
#
loop_
_entity.id
_entity.type
_entity.pdbx_description
1 polymer 'Cell division protein FtsZ'
2 polymer Mb(Ec/KpFtsZ_S1)
3 non-polymer "GUANOSINE-5'-DIPHOSPHATE"
#
loop_
_entity_poly.entity_id
_entity_poly.type
_entity_poly.pdbx_seq_one_letter_code
_entity_poly.pdbx_strand_id
1 'polypeptide(L)'
;GHMFEPMELTNDAVIKVIGVGGGGGNAVEHMVRERIEGVEFFAVNTDAQALRKTAVGQTIQIGSGITKGLGAGANPEVGR
NAADEDREALRAALDGADMVFIAAGMGGGTGTGAAPVVAEVAKDLGILTVAVVTKPFNFEGKKRMAFAEQGITELSKHVD
SLITIPNDKLLKVLGRGISLLDAFGAANDVLKGAVQGIAELITRPGLMNVDFADVRTVMSEMGYAMMGSGVASGEDRAEE
AAEMAISSPLLEDIDLSGARGVLVNITAGFDLRLDEFETVGNTIRAFASDNATVVIGTSLDPDMNDELRVTVVATGIGMD
KRPEITLVTNKQVQQPVMDRYQQHGMSPLTQEQKPAAKVVNDNTPQTAKEPDYLDIPAFLRKQAD
;
A
2 'polypeptide(L)'
;GSVSSVPTKLEVVAATPTSLLISWDAPAVTVSYYRITYGETGGNSPVQEFTVPGSKSTATISGLSPGVDYTITVYARSAY
HRRSPISINYRT
;
B
#
loop_
_chem_comp.id
_chem_comp.type
_chem_comp.name
_chem_comp.formula
GDP RNA linking GUANOSINE-5'-DIPHOSPHATE 'C10 H15 N5 O11 P2'
#
# COMPACT_ATOMS: atom_id res chain seq x y z
N GLU A 5 30.26 0.29 13.08
CA GLU A 5 30.03 1.66 12.63
C GLU A 5 30.49 1.91 11.19
N PRO A 6 31.69 1.48 10.80
CA PRO A 6 32.08 1.64 9.39
C PRO A 6 31.16 0.90 8.42
N MET A 7 30.63 -0.25 8.82
CA MET A 7 29.72 -0.98 7.94
C MET A 7 28.39 -0.27 7.76
N GLU A 8 27.98 0.56 8.73
CA GLU A 8 26.73 1.30 8.60
C GLU A 8 26.77 2.34 7.50
N LEU A 9 27.94 2.65 6.96
CA LEU A 9 28.06 3.58 5.85
C LEU A 9 28.17 2.89 4.50
N THR A 10 28.38 1.58 4.48
CA THR A 10 28.56 0.82 3.25
C THR A 10 27.54 -0.32 3.13
N ASN A 11 26.29 -0.03 3.45
CA ASN A 11 25.23 -1.02 3.42
C ASN A 11 23.99 -0.44 2.74
N ASP A 12 23.07 -1.32 2.39
CA ASP A 12 21.81 -0.89 1.80
C ASP A 12 20.95 -0.18 2.85
N ALA A 13 20.01 0.62 2.37
CA ALA A 13 19.11 1.32 3.26
C ALA A 13 18.28 0.32 4.07
N VAL A 14 18.20 0.54 5.37
CA VAL A 14 17.47 -0.33 6.28
C VAL A 14 16.11 0.29 6.53
N ILE A 15 15.05 -0.41 6.12
CA ILE A 15 13.69 0.05 6.27
C ILE A 15 12.95 -0.94 7.16
N LYS A 16 12.38 -0.44 8.25
CA LYS A 16 11.62 -1.25 9.18
C LYS A 16 10.17 -0.80 9.18
N VAL A 17 9.25 -1.76 9.17
CA VAL A 17 7.82 -1.47 9.29
C VAL A 17 7.32 -2.13 10.57
N ILE A 18 6.76 -1.32 11.47
CA ILE A 18 6.25 -1.79 12.75
C ILE A 18 4.74 -1.56 12.78
N GLY A 19 3.99 -2.62 13.01
CA GLY A 19 2.56 -2.53 13.20
C GLY A 19 2.22 -2.50 14.68
N VAL A 20 1.48 -1.47 15.07
CA VAL A 20 1.11 -1.25 16.46
C VAL A 20 -0.38 -1.49 16.62
N GLY A 21 -0.75 -2.39 17.54
CA GLY A 21 -2.13 -2.71 17.76
C GLY A 21 -2.58 -3.90 16.93
N GLY A 22 -3.85 -4.24 17.09
CA GLY A 22 -4.40 -5.38 16.36
C GLY A 22 -4.53 -5.09 14.87
N GLY A 23 -5.10 -3.94 14.53
CA GLY A 23 -5.22 -3.58 13.12
C GLY A 23 -3.87 -3.39 12.45
N GLY A 24 -2.94 -2.73 13.14
CA GLY A 24 -1.60 -2.58 12.60
C GLY A 24 -0.89 -3.90 12.43
N GLY A 25 -1.06 -4.81 13.40
CA GLY A 25 -0.47 -6.13 13.26
C GLY A 25 -1.05 -6.92 12.11
N ASN A 26 -2.36 -6.82 11.90
CA ASN A 26 -2.98 -7.48 10.76
C ASN A 26 -2.47 -6.91 9.44
N ALA A 27 -2.36 -5.58 9.35
CA ALA A 27 -1.86 -4.96 8.14
C ALA A 27 -0.42 -5.38 7.86
N VAL A 28 0.42 -5.40 8.90
CA VAL A 28 1.82 -5.78 8.71
C VAL A 28 1.94 -7.25 8.36
N GLU A 29 1.08 -8.11 8.92
CA GLU A 29 1.06 -9.51 8.52
C GLU A 29 0.66 -9.67 7.06
N HIS A 30 -0.29 -8.85 6.60
CA HIS A 30 -0.63 -8.83 5.19
C HIS A 30 0.57 -8.42 4.34
N MET A 31 1.31 -7.39 4.76
CA MET A 31 2.50 -6.98 4.03
C MET A 31 3.55 -8.09 4.00
N VAL A 32 3.68 -8.83 5.10
CA VAL A 32 4.61 -9.96 5.13
C VAL A 32 4.19 -11.01 4.13
N ARG A 33 2.89 -11.33 4.09
CA ARG A 33 2.40 -12.34 3.14
C ARG A 33 2.60 -11.90 1.69
N GLU A 34 2.35 -10.62 1.41
CA GLU A 34 2.44 -10.10 0.05
C GLU A 34 3.87 -9.77 -0.37
N ARG A 35 4.85 -9.92 0.51
CA ARG A 35 6.27 -9.88 0.17
C ARG A 35 6.70 -8.53 -0.39
N ILE A 36 6.66 -7.51 0.48
CA ILE A 36 7.40 -6.28 0.20
C ILE A 36 8.90 -6.57 0.29
N GLU A 37 9.66 -6.11 -0.70
CA GLU A 37 11.08 -6.42 -0.80
C GLU A 37 11.92 -5.43 0.01
N GLY A 38 13.01 -5.93 0.57
CA GLY A 38 13.99 -5.08 1.24
C GLY A 38 13.44 -4.35 2.46
N VAL A 39 12.56 -4.99 3.21
CA VAL A 39 11.91 -4.37 4.36
C VAL A 39 11.84 -5.40 5.48
N GLU A 40 12.06 -4.94 6.72
CA GLU A 40 11.95 -5.79 7.89
C GLU A 40 10.69 -5.42 8.67
N PHE A 41 9.98 -6.43 9.14
CA PHE A 41 8.64 -6.26 9.69
C PHE A 41 8.61 -6.59 11.19
N PHE A 42 7.90 -5.75 11.94
CA PHE A 42 7.70 -5.94 13.38
C PHE A 42 6.24 -5.73 13.72
N ALA A 43 5.80 -6.40 14.79
CA ALA A 43 4.47 -6.17 15.35
C ALA A 43 4.60 -5.89 16.84
N VAL A 44 3.92 -4.86 17.30
CA VAL A 44 3.94 -4.44 18.70
C VAL A 44 2.51 -4.45 19.21
N ASN A 45 2.25 -5.25 20.25
CA ASN A 45 0.90 -5.37 20.79
C ASN A 45 0.95 -5.66 22.27
N THR A 46 -0.05 -5.18 23.00
CA THR A 46 -0.22 -5.52 24.40
C THR A 46 -0.79 -6.92 24.59
N ASP A 47 -1.67 -7.36 23.69
CA ASP A 47 -2.29 -8.67 23.79
C ASP A 47 -1.30 -9.74 23.35
N ALA A 48 -0.92 -10.61 24.29
CA ALA A 48 0.09 -11.62 24.00
C ALA A 48 -0.44 -12.72 23.07
N GLN A 49 -1.72 -13.06 23.18
CA GLN A 49 -2.30 -14.09 22.33
C GLN A 49 -2.36 -13.62 20.87
N ALA A 50 -2.79 -12.38 20.67
CA ALA A 50 -2.80 -11.81 19.32
C ALA A 50 -1.40 -11.77 18.74
N LEU A 51 -0.41 -11.42 19.56
CA LEU A 51 0.98 -11.45 19.10
C LEU A 51 1.42 -12.85 18.73
N ARG A 52 1.01 -13.85 19.52
CA ARG A 52 1.39 -15.22 19.21
C ARG A 52 0.74 -15.69 17.91
N LYS A 53 -0.41 -15.14 17.55
CA LYS A 53 -1.01 -15.52 16.26
C LYS A 53 -0.46 -14.73 15.09
N THR A 54 0.05 -13.52 15.30
CA THR A 54 0.58 -12.73 14.19
C THR A 54 1.83 -13.38 13.62
N ALA A 55 1.84 -13.60 12.31
CA ALA A 55 2.97 -14.21 11.62
C ALA A 55 3.82 -13.15 10.93
N VAL A 56 4.52 -12.36 11.76
CA VAL A 56 5.39 -11.30 11.26
C VAL A 56 6.86 -11.59 11.49
N GLY A 57 7.19 -12.63 12.23
CA GLY A 57 8.59 -12.99 12.45
C GLY A 57 9.25 -12.44 13.70
N GLN A 58 9.08 -11.14 13.96
CA GLN A 58 9.66 -10.51 15.15
C GLN A 58 8.59 -9.67 15.83
N THR A 59 8.28 -10.01 17.08
CA THR A 59 7.20 -9.39 17.83
C THR A 59 7.72 -8.84 19.14
N ILE A 60 7.07 -7.79 19.63
CA ILE A 60 7.41 -7.15 20.89
C ILE A 60 6.14 -7.00 21.71
N GLN A 61 6.15 -7.52 22.93
CA GLN A 61 5.02 -7.41 23.84
C GLN A 61 5.27 -6.24 24.79
N ILE A 62 4.51 -5.16 24.61
CA ILE A 62 4.66 -3.98 25.43
C ILE A 62 3.62 -4.01 26.54
N GLY A 63 3.91 -3.31 27.63
CA GLY A 63 2.98 -3.22 28.73
C GLY A 63 2.80 -4.50 29.51
N SER A 64 3.81 -5.38 29.50
CA SER A 64 3.69 -6.66 30.17
C SER A 64 3.49 -6.51 31.67
N GLY A 65 3.85 -5.37 32.24
CA GLY A 65 3.68 -5.14 33.67
C GLY A 65 2.47 -4.32 34.02
N ILE A 66 1.76 -3.81 33.01
CA ILE A 66 0.55 -3.06 33.23
C ILE A 66 -0.69 -3.81 32.75
N THR A 67 -0.62 -4.53 31.64
CA THR A 67 -1.74 -5.27 31.11
C THR A 67 -1.65 -6.77 31.33
N LYS A 68 -0.52 -7.27 31.83
CA LYS A 68 -0.29 -8.68 32.09
C LYS A 68 -0.43 -9.55 30.85
N GLY A 69 -0.25 -8.97 29.67
CA GLY A 69 -0.43 -9.71 28.45
C GLY A 69 -1.86 -9.89 28.00
N LEU A 70 -2.79 -9.19 28.64
CA LEU A 70 -4.22 -9.37 28.37
C LEU A 70 -4.83 -8.20 27.59
N GLY A 71 -4.00 -7.34 27.00
CA GLY A 71 -4.49 -6.24 26.22
C GLY A 71 -4.77 -5.00 27.05
N ALA A 72 -4.75 -3.86 26.37
CA ALA A 72 -4.96 -2.57 27.00
C ALA A 72 -6.42 -2.12 26.99
N GLY A 73 -7.31 -2.90 26.38
CA GLY A 73 -8.68 -2.48 26.25
C GLY A 73 -8.85 -1.40 25.20
N ALA A 74 -9.88 -0.57 25.38
CA ALA A 74 -10.18 0.52 24.46
C ALA A 74 -9.74 1.87 25.01
N ASN A 75 -8.74 1.89 25.88
CA ASN A 75 -8.26 3.11 26.50
C ASN A 75 -6.93 3.50 25.89
N PRO A 76 -6.84 4.63 25.19
CA PRO A 76 -5.53 5.07 24.67
C PRO A 76 -4.51 5.36 25.75
N GLU A 77 -4.93 5.83 26.94
CA GLU A 77 -3.98 6.10 28.01
C GLU A 77 -3.27 4.83 28.46
N VAL A 78 -4.00 3.71 28.55
CA VAL A 78 -3.37 2.46 28.95
C VAL A 78 -2.36 2.01 27.90
N GLY A 79 -2.67 2.19 26.63
CA GLY A 79 -1.70 1.86 25.58
C GLY A 79 -0.48 2.75 25.63
N ARG A 80 -0.67 4.03 25.91
CA ARG A 80 0.47 4.94 26.05
C ARG A 80 1.36 4.54 27.21
N ASN A 81 0.76 4.23 28.36
CA ASN A 81 1.54 3.78 29.50
C ASN A 81 2.21 2.44 29.24
N ALA A 82 1.57 1.57 28.46
CA ALA A 82 2.17 0.30 28.10
C ALA A 82 3.40 0.49 27.23
N ALA A 83 3.33 1.44 26.28
CA ALA A 83 4.50 1.71 25.45
C ALA A 83 5.55 2.51 26.20
N ASP A 84 5.12 3.35 27.16
CA ASP A 84 6.07 4.17 27.91
C ASP A 84 7.00 3.32 28.76
N GLU A 85 6.53 2.17 29.24
CA GLU A 85 7.33 1.38 30.15
C GLU A 85 8.28 0.43 29.45
N ASP A 86 8.20 0.30 28.12
CA ASP A 86 9.07 -0.57 27.36
C ASP A 86 9.76 0.20 26.24
N ARG A 87 10.19 1.42 26.53
CA ARG A 87 10.94 2.20 25.55
C ARG A 87 12.28 1.56 25.21
N GLU A 88 12.82 0.73 26.10
CA GLU A 88 14.10 0.08 25.82
C GLU A 88 13.97 -0.96 24.72
N ALA A 89 12.91 -1.77 24.77
CA ALA A 89 12.70 -2.76 23.71
C ALA A 89 12.41 -2.09 22.38
N LEU A 90 11.61 -1.02 22.40
CA LEU A 90 11.34 -0.27 21.18
C LEU A 90 12.62 0.31 20.61
N ARG A 91 13.47 0.89 21.47
CA ARG A 91 14.74 1.44 21.02
C ARG A 91 15.63 0.35 20.44
N ALA A 92 15.68 -0.81 21.08
CA ALA A 92 16.54 -1.90 20.62
C ALA A 92 16.08 -2.42 19.27
N ALA A 93 14.77 -2.49 19.05
CA ALA A 93 14.26 -2.96 17.77
C ALA A 93 14.46 -1.92 16.68
N LEU A 94 14.22 -0.65 16.99
CA LEU A 94 14.29 0.41 15.99
C LEU A 94 15.74 0.74 15.60
N ASP A 95 16.68 0.55 16.51
CA ASP A 95 18.05 1.00 16.28
C ASP A 95 18.67 0.31 15.08
N GLY A 96 19.33 1.09 14.23
CA GLY A 96 19.98 0.59 13.06
C GLY A 96 19.22 0.78 11.76
N ALA A 97 18.21 1.63 11.74
CA ALA A 97 17.35 1.81 10.57
C ALA A 97 17.47 3.23 10.04
N ASP A 98 17.29 3.37 8.73
CA ASP A 98 17.30 4.68 8.10
C ASP A 98 15.89 5.25 7.97
N MET A 99 14.91 4.41 7.66
CA MET A 99 13.51 4.80 7.55
C MET A 99 12.67 3.80 8.32
N VAL A 100 11.66 4.30 9.03
CA VAL A 100 10.72 3.47 9.78
C VAL A 100 9.31 3.83 9.38
N PHE A 101 8.50 2.81 9.08
CA PHE A 101 7.08 2.97 8.84
C PHE A 101 6.31 2.47 10.05
N ILE A 102 5.45 3.31 10.60
CA ILE A 102 4.64 2.95 11.76
C ILE A 102 3.20 2.81 11.28
N ALA A 103 2.76 1.57 11.10
CA ALA A 103 1.42 1.27 10.63
C ALA A 103 0.52 0.96 11.82
N ALA A 104 -0.63 1.61 11.88
CA ALA A 104 -1.54 1.42 12.99
C ALA A 104 -2.96 1.75 12.56
N GLY A 105 -3.91 1.23 13.31
CA GLY A 105 -5.30 1.63 13.16
C GLY A 105 -5.72 2.48 14.33
N MET A 106 -5.95 3.77 14.08
CA MET A 106 -6.33 4.67 15.15
C MET A 106 -7.75 4.40 15.61
N GLY A 107 -7.97 4.48 16.91
CA GLY A 107 -9.30 4.27 17.47
C GLY A 107 -9.32 3.34 18.65
N GLY A 108 -8.42 2.37 18.67
CA GLY A 108 -8.35 1.41 19.76
C GLY A 108 -7.56 1.93 20.93
N GLY A 109 -7.12 1.01 21.78
CA GLY A 109 -6.28 1.37 22.90
C GLY A 109 -4.80 1.25 22.64
N THR A 110 -4.37 0.07 22.20
CA THR A 110 -2.94 -0.17 21.99
C THR A 110 -2.38 0.70 20.88
N GLY A 111 -3.01 0.65 19.69
CA GLY A 111 -2.47 1.40 18.57
C GLY A 111 -2.50 2.89 18.78
N THR A 112 -3.67 3.42 19.17
CA THR A 112 -3.83 4.86 19.31
C THR A 112 -2.89 5.44 20.35
N GLY A 113 -2.71 4.75 21.47
CA GLY A 113 -1.86 5.26 22.53
C GLY A 113 -0.39 4.95 22.36
N ALA A 114 -0.06 3.88 21.65
CA ALA A 114 1.32 3.42 21.57
C ALA A 114 2.05 3.86 20.30
N ALA A 115 1.33 4.20 19.23
CA ALA A 115 2.01 4.72 18.04
C ALA A 115 2.77 6.01 18.32
N PRO A 116 2.24 6.99 19.05
CA PRO A 116 3.06 8.18 19.38
C PRO A 116 4.33 7.87 20.14
N VAL A 117 4.32 6.87 21.02
CA VAL A 117 5.53 6.57 21.79
C VAL A 117 6.60 5.96 20.88
N VAL A 118 6.20 5.02 20.02
CA VAL A 118 7.16 4.45 19.06
C VAL A 118 7.69 5.54 18.14
N ALA A 119 6.82 6.47 17.73
CA ALA A 119 7.26 7.57 16.88
C ALA A 119 8.26 8.46 17.59
N GLU A 120 8.01 8.76 18.87
CA GLU A 120 8.92 9.58 19.64
C GLU A 120 10.28 8.90 19.79
N VAL A 121 10.28 7.60 20.08
CA VAL A 121 11.53 6.87 20.21
C VAL A 121 12.30 6.89 18.89
N ALA A 122 11.59 6.64 17.78
CA ALA A 122 12.23 6.60 16.47
C ALA A 122 12.82 7.96 16.11
N LYS A 123 12.08 9.04 16.35
CA LYS A 123 12.62 10.36 16.05
C LYS A 123 13.81 10.71 16.94
N ASP A 124 13.73 10.39 18.24
CA ASP A 124 14.86 10.62 19.12
C ASP A 124 16.07 9.79 18.75
N LEU A 125 15.87 8.69 18.03
CA LEU A 125 16.99 7.93 17.48
C LEU A 125 17.52 8.52 16.17
N GLY A 126 16.96 9.63 15.71
CA GLY A 126 17.36 10.21 14.44
C GLY A 126 16.99 9.37 13.24
N ILE A 127 15.77 8.84 13.21
CA ILE A 127 15.29 7.99 12.13
C ILE A 127 14.16 8.71 11.41
N LEU A 128 14.13 8.60 10.08
CA LEU A 128 13.03 9.14 9.29
C LEU A 128 11.77 8.35 9.59
N THR A 129 10.80 8.99 10.24
CA THR A 129 9.63 8.33 10.79
C THR A 129 8.39 8.70 9.99
N VAL A 130 7.80 7.72 9.33
CA VAL A 130 6.58 7.89 8.55
C VAL A 130 5.48 7.08 9.21
N ALA A 131 4.41 7.74 9.60
CA ALA A 131 3.27 7.10 10.25
C ALA A 131 2.16 6.91 9.23
N VAL A 132 1.83 5.65 8.94
CA VAL A 132 0.74 5.33 8.02
C VAL A 132 -0.41 4.77 8.83
N VAL A 133 -1.34 5.64 9.23
CA VAL A 133 -2.43 5.24 10.11
C VAL A 133 -3.76 5.47 9.41
N THR A 134 -4.75 4.69 9.79
CA THR A 134 -6.11 4.84 9.28
C THR A 134 -7.01 5.44 10.36
N LYS A 135 -8.15 5.93 9.92
CA LYS A 135 -9.24 6.29 10.80
C LYS A 135 -10.35 5.25 10.71
N PRO A 136 -11.11 5.03 11.76
CA PRO A 136 -12.17 4.02 11.71
C PRO A 136 -13.31 4.45 10.78
N PHE A 137 -14.06 3.46 10.32
CA PHE A 137 -15.28 3.73 9.58
C PHE A 137 -16.28 4.45 10.48
N ASN A 138 -17.26 5.10 9.85
CA ASN A 138 -18.34 5.70 10.62
C ASN A 138 -19.24 4.64 11.24
N PHE A 139 -19.19 3.40 10.75
CA PHE A 139 -19.93 2.30 11.33
C PHE A 139 -19.40 1.88 12.69
N GLU A 140 -18.25 2.39 13.11
CA GLU A 140 -17.61 1.97 14.35
C GLU A 140 -17.96 2.87 15.53
N GLY A 141 -18.80 3.87 15.33
CA GLY A 141 -19.24 4.73 16.41
C GLY A 141 -18.46 6.03 16.47
N LYS A 142 -18.85 6.85 17.44
CA LYS A 142 -18.22 8.15 17.62
C LYS A 142 -17.08 8.13 18.63
N LYS A 143 -17.09 7.17 19.56
CA LYS A 143 -16.00 7.09 20.52
C LYS A 143 -14.69 6.67 19.85
N ARG A 144 -14.76 5.68 18.94
CA ARG A 144 -13.55 5.30 18.21
C ARG A 144 -13.03 6.45 17.38
N MET A 145 -13.92 7.22 16.77
CA MET A 145 -13.48 8.35 15.95
C MET A 145 -12.82 9.43 16.79
N ALA A 146 -13.38 9.72 17.97
CA ALA A 146 -12.77 10.71 18.85
C ALA A 146 -11.40 10.24 19.35
N PHE A 147 -11.30 8.97 19.72
CA PHE A 147 -10.01 8.42 20.11
C PHE A 147 -9.01 8.51 18.98
N ALA A 148 -9.46 8.21 17.75
CA ALA A 148 -8.57 8.29 16.59
C ALA A 148 -8.10 9.71 16.35
N GLU A 149 -8.99 10.69 16.47
CA GLU A 149 -8.60 12.08 16.26
C GLU A 149 -7.58 12.52 17.30
N GLN A 150 -7.82 12.16 18.57
CA GLN A 150 -6.87 12.51 19.62
C GLN A 150 -5.52 11.84 19.38
N GLY A 151 -5.53 10.57 19.00
CA GLY A 151 -4.28 9.86 18.76
C GLY A 151 -3.52 10.40 17.56
N ILE A 152 -4.24 10.83 16.52
CA ILE A 152 -3.58 11.42 15.36
C ILE A 152 -2.97 12.77 15.72
N THR A 153 -3.69 13.58 16.50
CA THR A 153 -3.14 14.85 16.95
C THR A 153 -1.89 14.64 17.80
N GLU A 154 -1.91 13.64 18.68
CA GLU A 154 -0.73 13.34 19.49
C GLU A 154 0.41 12.80 18.63
N LEU A 155 0.10 11.95 17.66
CA LEU A 155 1.12 11.32 16.83
C LEU A 155 1.79 12.32 15.90
N SER A 156 1.07 13.36 15.48
CA SER A 156 1.64 14.33 14.57
C SER A 156 2.78 15.12 15.20
N LYS A 157 2.95 15.05 16.52
CA LYS A 157 3.99 15.79 17.22
C LYS A 157 5.33 15.05 17.25
N HIS A 158 5.38 13.79 16.81
CA HIS A 158 6.60 12.99 16.94
C HIS A 158 6.96 12.27 15.64
N VAL A 159 6.39 12.67 14.51
CA VAL A 159 6.67 12.02 13.24
C VAL A 159 7.20 13.06 12.26
N ASP A 160 7.89 12.56 11.24
CA ASP A 160 8.30 13.41 10.13
C ASP A 160 7.14 13.63 9.17
N SER A 161 6.50 12.55 8.72
CA SER A 161 5.30 12.61 7.91
C SER A 161 4.25 11.69 8.51
N LEU A 162 2.98 12.10 8.42
CA LEU A 162 1.86 11.33 8.94
C LEU A 162 0.84 11.19 7.82
N ILE A 163 0.76 10.02 7.22
CA ILE A 163 -0.21 9.75 6.16
C ILE A 163 -1.50 9.25 6.80
N THR A 164 -2.57 10.00 6.64
CA THR A 164 -3.88 9.64 7.17
C THR A 164 -4.72 9.04 6.06
N ILE A 165 -5.22 7.83 6.27
CA ILE A 165 -6.07 7.14 5.30
C ILE A 165 -7.40 6.87 5.97
N PRO A 166 -8.40 7.74 5.78
CA PRO A 166 -9.71 7.50 6.38
C PRO A 166 -10.38 6.27 5.76
N ASN A 167 -10.87 5.39 6.62
CA ASN A 167 -11.57 4.21 6.12
C ASN A 167 -12.87 4.58 5.45
N ASP A 168 -13.48 5.70 5.85
CA ASP A 168 -14.72 6.16 5.21
C ASP A 168 -14.50 6.44 3.73
N LYS A 169 -13.30 6.83 3.33
CA LYS A 169 -13.00 7.03 1.93
C LYS A 169 -12.98 5.71 1.16
N LEU A 170 -12.74 4.59 1.85
CA LEU A 170 -12.74 3.29 1.20
C LEU A 170 -14.14 2.80 0.88
N LEU A 171 -15.16 3.32 1.55
CA LEU A 171 -16.53 2.88 1.31
C LEU A 171 -16.98 3.17 -0.11
N LYS A 172 -16.40 4.17 -0.75
CA LYS A 172 -16.78 4.53 -2.11
C LYS A 172 -16.40 3.45 -3.11
N VAL A 173 -15.39 2.63 -2.81
CA VAL A 173 -14.87 1.64 -3.74
C VAL A 173 -15.07 0.22 -3.26
N LEU A 174 -15.77 0.01 -2.15
CA LEU A 174 -16.01 -1.32 -1.63
C LEU A 174 -17.30 -1.89 -2.21
N GLY A 175 -17.29 -3.20 -2.44
CA GLY A 175 -18.46 -3.84 -3.03
C GLY A 175 -19.67 -3.74 -2.13
N ARG A 176 -20.84 -3.78 -2.74
CA ARG A 176 -22.08 -3.70 -1.98
C ARG A 176 -22.31 -4.99 -1.20
N GLY A 177 -22.78 -4.84 0.04
CA GLY A 177 -23.02 -5.99 0.90
C GLY A 177 -21.75 -6.76 1.23
N ILE A 178 -20.70 -6.03 1.61
CA ILE A 178 -19.38 -6.60 1.85
C ILE A 178 -19.20 -6.84 3.33
N SER A 179 -18.63 -8.00 3.67
CA SER A 179 -18.32 -8.30 5.06
C SER A 179 -17.15 -7.44 5.54
N LEU A 180 -17.08 -7.23 6.86
CA LEU A 180 -16.02 -6.39 7.40
C LEU A 180 -14.65 -7.02 7.28
N LEU A 181 -14.58 -8.35 7.14
CA LEU A 181 -13.28 -8.97 6.88
C LEU A 181 -12.71 -8.49 5.56
N ASP A 182 -13.55 -8.43 4.51
CA ASP A 182 -13.06 -7.95 3.22
C ASP A 182 -12.79 -6.45 3.23
N ALA A 183 -13.59 -5.68 3.96
CA ALA A 183 -13.33 -4.25 4.08
C ALA A 183 -11.99 -3.99 4.76
N PHE A 184 -11.69 -4.72 5.83
CA PHE A 184 -10.41 -4.52 6.50
C PHE A 184 -9.27 -5.14 5.72
N GLY A 185 -9.53 -6.16 4.90
CA GLY A 185 -8.53 -6.60 3.95
C GLY A 185 -8.19 -5.53 2.93
N ALA A 186 -9.21 -4.79 2.48
CA ALA A 186 -8.97 -3.66 1.59
C ALA A 186 -8.16 -2.58 2.30
N ALA A 187 -8.46 -2.32 3.56
CA ALA A 187 -7.68 -1.35 4.33
C ALA A 187 -6.22 -1.80 4.48
N ASN A 188 -6.01 -3.10 4.73
CA ASN A 188 -4.66 -3.64 4.77
C ASN A 188 -3.95 -3.44 3.44
N ASP A 189 -4.66 -3.66 2.33
CA ASP A 189 -4.07 -3.47 1.02
C ASP A 189 -3.69 -2.02 0.78
N VAL A 190 -4.51 -1.08 1.28
CA VAL A 190 -4.20 0.33 1.10
C VAL A 190 -2.97 0.72 1.92
N LEU A 191 -2.88 0.24 3.16
CA LEU A 191 -1.71 0.53 3.98
C LEU A 191 -0.44 -0.05 3.34
N LYS A 192 -0.53 -1.30 2.88
CA LYS A 192 0.61 -1.91 2.19
C LYS A 192 0.96 -1.14 0.93
N GLY A 193 -0.04 -0.61 0.24
CA GLY A 193 0.23 0.17 -0.96
C GLY A 193 0.97 1.46 -0.64
N ALA A 194 0.61 2.13 0.44
CA ALA A 194 1.33 3.34 0.83
C ALA A 194 2.78 3.02 1.18
N VAL A 195 2.98 1.99 2.02
CA VAL A 195 4.34 1.62 2.43
C VAL A 195 5.16 1.23 1.21
N GLN A 196 4.59 0.41 0.32
CA GLN A 196 5.31 -0.05 -0.86
C GLN A 196 5.61 1.09 -1.82
N GLY A 197 4.65 1.99 -2.03
CA GLY A 197 4.86 3.12 -2.91
C GLY A 197 5.97 4.03 -2.44
N ILE A 198 6.12 4.18 -1.12
CA ILE A 198 7.23 5.01 -0.65
C ILE A 198 8.55 4.23 -0.66
N ALA A 199 8.53 2.95 -0.32
CA ALA A 199 9.76 2.20 -0.10
C ALA A 199 10.37 1.61 -1.36
N GLU A 200 9.58 1.36 -2.41
CA GLU A 200 10.11 0.70 -3.59
C GLU A 200 10.84 1.67 -4.51
N LEU A 201 10.73 2.97 -4.28
CA LEU A 201 11.63 3.91 -4.93
C LEU A 201 13.07 3.65 -4.54
N ILE A 202 13.29 3.15 -3.33
CA ILE A 202 14.61 2.84 -2.82
C ILE A 202 14.96 1.38 -3.04
N THR A 203 14.04 0.47 -2.74
CA THR A 203 14.39 -0.95 -2.72
C THR A 203 14.55 -1.52 -4.12
N ARG A 204 13.64 -1.20 -5.03
CA ARG A 204 13.70 -1.68 -6.42
C ARG A 204 13.48 -0.50 -7.35
N PRO A 205 14.49 0.34 -7.53
CA PRO A 205 14.34 1.51 -8.41
C PRO A 205 14.42 1.13 -9.88
N GLY A 206 13.93 2.03 -10.71
CA GLY A 206 14.04 1.90 -12.15
C GLY A 206 15.32 2.52 -12.67
N LEU A 207 15.34 2.79 -13.97
CA LEU A 207 16.50 3.45 -14.55
C LEU A 207 16.52 4.93 -14.18
N MET A 208 15.36 5.56 -14.13
CA MET A 208 15.23 6.92 -13.62
C MET A 208 14.85 6.82 -12.15
N ASN A 209 15.85 6.92 -11.28
CA ASN A 209 15.67 6.62 -9.87
C ASN A 209 15.94 7.84 -9.01
N VAL A 210 15.53 7.73 -7.75
CA VAL A 210 15.85 8.70 -6.71
C VAL A 210 16.42 7.93 -5.53
N ASP A 211 17.25 8.59 -4.74
CA ASP A 211 17.93 7.96 -3.62
C ASP A 211 17.21 8.30 -2.32
N PHE A 212 17.72 7.75 -1.21
CA PHE A 212 17.10 8.00 0.08
C PHE A 212 17.16 9.47 0.47
N ALA A 213 18.18 10.20 0.02
CA ALA A 213 18.26 11.62 0.30
C ALA A 213 17.11 12.38 -0.36
N ASP A 214 16.78 12.01 -1.59
CA ASP A 214 15.67 12.66 -2.28
C ASP A 214 14.35 12.42 -1.55
N VAL A 215 14.14 11.18 -1.06
CA VAL A 215 12.94 10.87 -0.31
C VAL A 215 12.90 11.65 0.99
N ARG A 216 14.03 11.69 1.71
CA ARG A 216 14.09 12.42 2.97
C ARG A 216 13.86 13.91 2.76
N THR A 217 14.16 14.42 1.57
CA THR A 217 13.95 15.84 1.30
C THR A 217 12.48 16.22 1.43
N VAL A 218 11.56 15.35 1.01
CA VAL A 218 10.13 15.66 1.02
C VAL A 218 9.38 14.97 2.14
N MET A 219 10.04 14.08 2.90
CA MET A 219 9.36 13.31 3.93
C MET A 219 9.82 13.69 5.33
N SER A 220 10.60 14.75 5.48
CA SER A 220 11.23 15.11 6.75
C SER A 220 10.67 16.43 7.27
N GLU A 221 10.27 16.44 8.55
CA GLU A 221 9.67 17.61 9.21
C GLU A 221 8.59 18.26 8.33
N MET A 222 7.71 17.44 7.78
CA MET A 222 6.66 17.93 6.91
C MET A 222 5.30 18.00 7.60
N GLY A 223 4.98 17.04 8.46
CA GLY A 223 3.69 17.03 9.12
C GLY A 223 2.68 16.12 8.45
N TYR A 224 1.46 16.63 8.25
CA TYR A 224 0.41 15.81 7.68
C TYR A 224 0.65 15.53 6.21
N ALA A 225 0.30 14.32 5.78
CA ALA A 225 0.46 13.90 4.40
C ALA A 225 -0.77 13.10 3.98
N MET A 226 -1.02 13.07 2.68
CA MET A 226 -2.08 12.27 2.10
C MET A 226 -1.50 11.53 0.91
N MET A 227 -2.17 10.44 0.51
CA MET A 227 -1.65 9.56 -0.53
C MET A 227 -2.75 9.19 -1.49
N GLY A 228 -2.41 9.16 -2.78
CA GLY A 228 -3.33 8.73 -3.81
C GLY A 228 -2.58 8.00 -4.89
N SER A 229 -3.28 7.13 -5.61
CA SER A 229 -2.65 6.31 -6.63
C SER A 229 -3.62 6.08 -7.78
N GLY A 230 -3.06 5.67 -8.91
CA GLY A 230 -3.86 5.38 -10.09
C GLY A 230 -3.13 4.42 -11.00
N VAL A 231 -3.92 3.71 -11.81
CA VAL A 231 -3.39 2.77 -12.79
C VAL A 231 -4.04 3.05 -14.14
N ALA A 232 -3.38 2.60 -15.19
CA ALA A 232 -3.88 2.76 -16.56
C ALA A 232 -3.08 1.86 -17.48
N SER A 233 -3.62 1.64 -18.67
CA SER A 233 -2.96 0.84 -19.70
C SER A 233 -3.24 1.48 -21.06
N GLY A 234 -2.65 0.91 -22.09
CA GLY A 234 -2.82 1.42 -23.43
C GLY A 234 -1.92 2.60 -23.72
N GLU A 235 -2.24 3.28 -24.82
CA GLU A 235 -1.40 4.37 -25.28
C GLU A 235 -1.43 5.56 -24.34
N ASP A 236 -2.57 5.83 -23.70
CA ASP A 236 -2.74 6.99 -22.84
C ASP A 236 -2.53 6.65 -21.37
N ARG A 237 -1.68 5.67 -21.07
CA ARG A 237 -1.55 5.17 -19.71
C ARG A 237 -1.00 6.23 -18.76
N ALA A 238 -0.03 7.02 -19.22
CA ALA A 238 0.64 7.96 -18.33
C ALA A 238 -0.31 9.06 -17.86
N GLU A 239 -0.99 9.72 -18.79
CA GLU A 239 -1.89 10.80 -18.43
C GLU A 239 -3.06 10.28 -17.60
N GLU A 240 -3.63 9.14 -18.00
CA GLU A 240 -4.75 8.58 -17.26
C GLU A 240 -4.35 8.20 -15.84
N ALA A 241 -3.20 7.56 -15.68
CA ALA A 241 -2.73 7.17 -14.36
C ALA A 241 -2.47 8.39 -13.49
N ALA A 242 -1.84 9.43 -14.06
CA ALA A 242 -1.57 10.63 -13.28
C ALA A 242 -2.85 11.33 -12.85
N GLU A 243 -3.80 11.49 -13.77
CA GLU A 243 -5.05 12.16 -13.43
C GLU A 243 -5.85 11.36 -12.43
N MET A 244 -5.80 10.03 -12.53
CA MET A 244 -6.49 9.19 -11.57
C MET A 244 -5.83 9.27 -10.20
N ALA A 245 -4.50 9.39 -10.16
CA ALA A 245 -3.81 9.55 -8.89
C ALA A 245 -4.15 10.89 -8.23
N ILE A 246 -4.22 11.96 -9.02
CA ILE A 246 -4.57 13.26 -8.46
C ILE A 246 -6.00 13.27 -7.97
N SER A 247 -6.91 12.59 -8.68
CA SER A 247 -8.32 12.55 -8.33
C SER A 247 -8.69 11.37 -7.45
N SER A 248 -7.76 10.89 -6.63
CA SER A 248 -8.06 9.78 -5.75
C SER A 248 -8.99 10.22 -4.62
N PRO A 249 -9.93 9.37 -4.21
CA PRO A 249 -10.74 9.71 -3.02
C PRO A 249 -9.91 9.86 -1.76
N LEU A 250 -8.78 9.17 -1.67
CA LEU A 250 -7.88 9.32 -0.54
C LEU A 250 -7.09 10.60 -0.57
N LEU A 251 -7.28 11.43 -1.60
CA LEU A 251 -6.62 12.73 -1.70
C LEU A 251 -7.59 13.90 -1.75
N GLU A 252 -8.89 13.65 -1.92
CA GLU A 252 -9.86 14.72 -2.14
C GLU A 252 -10.04 15.63 -0.94
N ASP A 253 -9.63 15.18 0.26
CA ASP A 253 -9.77 16.01 1.45
C ASP A 253 -8.88 17.24 1.41
N ILE A 254 -7.83 17.23 0.59
CA ILE A 254 -6.88 18.34 0.55
C ILE A 254 -6.86 18.94 -0.85
N ASP A 255 -6.09 20.03 -1.01
CA ASP A 255 -5.80 20.59 -2.31
C ASP A 255 -4.31 20.41 -2.59
N LEU A 256 -3.98 19.79 -3.73
CA LEU A 256 -2.60 19.50 -4.06
C LEU A 256 -1.77 20.77 -4.22
N SER A 257 -2.42 21.92 -4.44
CA SER A 257 -1.71 23.18 -4.60
C SER A 257 -1.32 23.82 -3.28
N GLY A 258 -1.66 23.20 -2.16
CA GLY A 258 -1.27 23.72 -0.86
C GLY A 258 -0.19 22.90 -0.18
N ALA A 259 0.15 21.76 -0.77
CA ALA A 259 1.17 20.90 -0.19
C ALA A 259 2.56 21.52 -0.32
N ARG A 260 3.38 21.28 0.69
CA ARG A 260 4.75 21.78 0.71
C ARG A 260 5.75 20.81 0.10
N GLY A 261 5.28 19.69 -0.43
CA GLY A 261 6.15 18.71 -1.04
C GLY A 261 5.36 17.55 -1.62
N VAL A 262 5.72 17.13 -2.83
CA VAL A 262 5.03 16.05 -3.52
C VAL A 262 6.04 14.99 -3.89
N LEU A 263 5.76 13.74 -3.51
CA LEU A 263 6.59 12.59 -3.86
C LEU A 263 5.78 11.71 -4.81
N VAL A 264 6.36 11.42 -5.97
CA VAL A 264 5.68 10.69 -7.03
C VAL A 264 6.48 9.43 -7.34
N ASN A 265 5.79 8.29 -7.33
CA ASN A 265 6.38 7.00 -7.68
C ASN A 265 5.69 6.48 -8.92
N ILE A 266 6.46 6.22 -9.97
CA ILE A 266 5.95 5.65 -11.21
C ILE A 266 6.43 4.21 -11.28
N THR A 267 5.50 3.27 -11.19
CA THR A 267 5.84 1.86 -11.28
C THR A 267 5.46 1.36 -12.66
N ALA A 268 6.39 0.67 -13.32
CA ALA A 268 6.16 0.20 -14.69
C ALA A 268 7.11 -0.96 -14.94
N GLY A 269 6.98 -1.55 -16.12
CA GLY A 269 7.87 -2.60 -16.57
C GLY A 269 9.04 -2.02 -17.36
N PHE A 270 9.52 -2.82 -18.31
CA PHE A 270 10.66 -2.44 -19.12
C PHE A 270 10.28 -1.62 -20.34
N ASP A 271 9.07 -1.05 -20.38
CA ASP A 271 8.62 -0.33 -21.57
C ASP A 271 8.19 1.10 -21.27
N LEU A 272 8.58 1.66 -20.12
CA LEU A 272 8.32 3.06 -19.86
C LEU A 272 9.08 3.93 -20.84
N ARG A 273 8.45 5.01 -21.29
CA ARG A 273 9.02 5.90 -22.28
C ARG A 273 9.31 7.26 -21.67
N LEU A 274 10.22 7.99 -22.34
CA LEU A 274 10.66 9.29 -21.82
C LEU A 274 9.52 10.31 -21.83
N ASP A 275 8.71 10.32 -22.87
CA ASP A 275 7.59 11.26 -22.93
C ASP A 275 6.55 10.94 -21.87
N GLU A 276 6.41 9.67 -21.49
CA GLU A 276 5.50 9.32 -20.40
C GLU A 276 5.99 9.86 -19.07
N PHE A 277 7.30 9.72 -18.80
CA PHE A 277 7.90 10.32 -17.62
C PHE A 277 7.65 11.82 -17.61
N GLU A 278 7.88 12.47 -18.76
CA GLU A 278 7.71 13.91 -18.85
C GLU A 278 6.27 14.33 -18.61
N THR A 279 5.31 13.58 -19.17
CA THR A 279 3.91 14.00 -19.03
C THR A 279 3.39 13.75 -17.62
N VAL A 280 3.82 12.67 -16.97
CA VAL A 280 3.43 12.47 -15.57
C VAL A 280 3.99 13.59 -14.71
N GLY A 281 5.27 13.92 -14.92
CA GLY A 281 5.86 15.01 -14.16
C GLY A 281 5.17 16.34 -14.42
N ASN A 282 4.81 16.60 -15.69
CA ASN A 282 4.16 17.85 -16.04
C ASN A 282 2.77 17.94 -15.42
N THR A 283 2.02 16.84 -15.43
CA THR A 283 0.70 16.84 -14.78
C THR A 283 0.82 17.13 -13.29
N ILE A 284 1.76 16.44 -12.62
CA ILE A 284 1.91 16.64 -11.18
C ILE A 284 2.32 18.07 -10.88
N ARG A 285 3.31 18.59 -11.62
CA ARG A 285 3.78 19.95 -11.37
C ARG A 285 2.78 21.01 -11.79
N ALA A 286 1.85 20.67 -12.68
CA ALA A 286 0.78 21.60 -13.03
C ALA A 286 -0.28 21.66 -11.94
N PHE A 287 -0.59 20.52 -11.32
CA PHE A 287 -1.60 20.51 -10.27
C PHE A 287 -1.02 20.74 -8.88
N ALA A 288 0.29 20.92 -8.77
CA ALA A 288 0.92 21.27 -7.50
C ALA A 288 1.12 22.79 -7.44
N SER A 289 1.87 23.24 -6.44
CA SER A 289 2.21 24.64 -6.30
C SER A 289 3.60 24.91 -6.87
N ASP A 290 3.88 26.19 -7.10
CA ASP A 290 5.11 26.57 -7.80
C ASP A 290 6.35 26.33 -6.95
N ASN A 291 6.25 26.54 -5.63
CA ASN A 291 7.40 26.44 -4.74
C ASN A 291 7.43 25.14 -3.95
N ALA A 292 6.58 24.17 -4.29
CA ALA A 292 6.60 22.87 -3.62
C ALA A 292 7.78 22.05 -4.11
N THR A 293 8.38 21.29 -3.19
CA THR A 293 9.48 20.39 -3.52
C THR A 293 8.88 19.12 -4.13
N VAL A 294 9.11 18.92 -5.43
CA VAL A 294 8.56 17.79 -6.16
C VAL A 294 9.69 16.81 -6.45
N VAL A 295 9.53 15.57 -6.01
CA VAL A 295 10.50 14.50 -6.25
C VAL A 295 9.77 13.40 -7.01
N ILE A 296 10.31 13.04 -8.18
CA ILE A 296 9.68 12.07 -9.07
C ILE A 296 10.70 11.00 -9.40
N GLY A 297 10.38 9.75 -9.08
CA GLY A 297 11.21 8.63 -9.42
C GLY A 297 10.38 7.50 -10.01
N THR A 298 11.06 6.48 -10.50
CA THR A 298 10.42 5.32 -11.07
C THR A 298 10.84 4.06 -10.34
N SER A 299 9.92 3.11 -10.26
CA SER A 299 10.18 1.78 -9.72
C SER A 299 10.00 0.76 -10.83
N LEU A 300 10.44 -0.47 -10.56
CA LEU A 300 10.44 -1.52 -11.57
C LEU A 300 9.58 -2.69 -11.12
N ASP A 301 8.58 -3.04 -11.92
CA ASP A 301 7.81 -4.27 -11.77
C ASP A 301 7.97 -5.09 -13.04
N PRO A 302 8.71 -6.21 -13.03
CA PRO A 302 8.93 -6.96 -14.27
C PRO A 302 7.67 -7.56 -14.87
N ASP A 303 6.60 -7.68 -14.09
CA ASP A 303 5.38 -8.32 -14.55
C ASP A 303 4.34 -7.32 -15.04
N MET A 304 4.71 -6.06 -15.22
CA MET A 304 3.83 -5.06 -15.81
C MET A 304 4.17 -4.91 -17.28
N ASN A 305 3.17 -5.05 -18.14
CA ASN A 305 3.35 -4.92 -19.58
C ASN A 305 2.28 -3.97 -20.12
N ASP A 306 2.72 -2.94 -20.84
CA ASP A 306 1.85 -1.95 -21.46
C ASP A 306 0.98 -1.21 -20.43
N GLU A 307 1.37 -1.23 -19.16
CA GLU A 307 0.61 -0.60 -18.10
C GLU A 307 1.53 0.18 -17.18
N LEU A 308 0.93 1.09 -16.41
CA LEU A 308 1.69 2.09 -15.68
C LEU A 308 0.94 2.47 -14.42
N ARG A 309 1.61 2.40 -13.27
CA ARG A 309 1.04 2.78 -11.98
C ARG A 309 1.73 4.04 -11.48
N VAL A 310 0.95 4.98 -10.97
CA VAL A 310 1.46 6.24 -10.44
C VAL A 310 0.95 6.41 -9.02
N THR A 311 1.87 6.62 -8.08
CA THR A 311 1.54 6.89 -6.68
C THR A 311 2.01 8.30 -6.32
N VAL A 312 1.13 9.07 -5.71
CA VAL A 312 1.42 10.45 -5.34
C VAL A 312 1.26 10.60 -3.83
N VAL A 313 2.30 11.12 -3.18
CA VAL A 313 2.25 11.46 -1.76
C VAL A 313 2.45 12.97 -1.64
N ALA A 314 1.47 13.65 -1.04
CA ALA A 314 1.52 15.09 -0.84
C ALA A 314 1.78 15.36 0.63
N THR A 315 2.88 16.04 0.93
CA THR A 315 3.32 16.29 2.29
C THR A 315 3.21 17.77 2.63
N GLY A 316 3.27 18.06 3.92
CA GLY A 316 3.21 19.43 4.40
C GLY A 316 1.88 20.12 4.15
N ILE A 317 0.77 19.39 4.24
CA ILE A 317 -0.53 19.99 4.01
C ILE A 317 -0.90 20.93 5.14
N GLY A 318 -0.56 20.58 6.37
CA GLY A 318 -0.84 21.41 7.52
C GLY A 318 -2.26 21.27 8.04
N VAL B 3 -7.30 -17.09 -0.80
CA VAL B 3 -6.85 -17.18 -2.18
C VAL B 3 -5.66 -16.24 -2.40
N SER B 4 -5.78 -15.02 -1.86
CA SER B 4 -4.78 -13.95 -1.92
C SER B 4 -4.58 -13.39 -3.32
N SER B 5 -5.26 -13.92 -4.33
CA SER B 5 -5.15 -13.45 -5.70
C SER B 5 -6.51 -12.92 -6.16
N VAL B 6 -6.50 -11.77 -6.81
CA VAL B 6 -7.69 -11.17 -7.39
C VAL B 6 -7.58 -11.27 -8.90
N PRO B 7 -8.56 -11.86 -9.60
CA PRO B 7 -9.78 -12.47 -9.06
C PRO B 7 -9.53 -13.84 -8.41
N THR B 8 -10.47 -14.27 -7.57
CA THR B 8 -10.32 -15.53 -6.85
C THR B 8 -10.85 -16.73 -7.64
N LYS B 9 -11.82 -16.54 -8.51
CA LYS B 9 -12.45 -17.61 -9.26
C LYS B 9 -12.29 -17.35 -10.74
N LEU B 10 -12.11 -18.42 -11.51
CA LEU B 10 -11.92 -18.29 -12.95
C LEU B 10 -12.60 -19.46 -13.65
N GLU B 11 -13.49 -19.15 -14.60
CA GLU B 11 -14.19 -20.17 -15.38
C GLU B 11 -13.98 -19.92 -16.87
N VAL B 12 -13.78 -21.01 -17.61
CA VAL B 12 -13.59 -20.95 -19.06
C VAL B 12 -14.57 -21.92 -19.72
N VAL B 13 -15.26 -21.44 -20.74
CA VAL B 13 -16.24 -22.23 -21.50
C VAL B 13 -16.00 -21.99 -22.98
N ALA B 14 -16.10 -23.07 -23.77
CA ALA B 14 -15.94 -22.96 -25.22
C ALA B 14 -17.26 -22.49 -25.83
N ALA B 15 -17.34 -21.18 -26.12
CA ALA B 15 -18.55 -20.64 -26.72
C ALA B 15 -18.79 -21.20 -28.11
N THR B 16 -17.74 -21.29 -28.92
CA THR B 16 -17.76 -21.87 -30.26
C THR B 16 -16.57 -22.80 -30.38
N PRO B 17 -16.57 -23.70 -31.36
CA PRO B 17 -15.43 -24.62 -31.52
C PRO B 17 -14.09 -23.93 -31.72
N THR B 18 -14.06 -22.61 -31.90
CA THR B 18 -12.81 -21.88 -32.10
C THR B 18 -12.70 -20.66 -31.19
N SER B 19 -13.50 -20.60 -30.12
CA SER B 19 -13.46 -19.47 -29.19
C SER B 19 -13.56 -20.01 -27.77
N LEU B 20 -13.29 -19.12 -26.82
CA LEU B 20 -13.44 -19.42 -25.40
C LEU B 20 -14.08 -18.25 -24.69
N LEU B 21 -14.98 -18.55 -23.77
CA LEU B 21 -15.60 -17.55 -22.89
C LEU B 21 -14.98 -17.67 -21.52
N ILE B 22 -14.55 -16.54 -20.96
CA ILE B 22 -13.81 -16.50 -19.71
C ILE B 22 -14.62 -15.70 -18.70
N SER B 23 -14.82 -16.27 -17.51
CA SER B 23 -15.63 -15.64 -16.48
C SER B 23 -14.89 -15.62 -15.15
N TRP B 24 -15.00 -14.51 -14.44
CA TRP B 24 -14.41 -14.37 -13.11
C TRP B 24 -15.42 -13.72 -12.19
N ASP B 25 -15.20 -13.90 -10.88
CA ASP B 25 -16.11 -13.37 -9.88
C ASP B 25 -15.94 -11.86 -9.73
N ALA B 26 -16.99 -11.24 -9.20
CA ALA B 26 -16.95 -9.81 -8.95
C ALA B 26 -15.97 -9.50 -7.82
N PRO B 27 -15.27 -8.37 -7.89
CA PRO B 27 -14.29 -8.04 -6.85
C PRO B 27 -14.90 -7.27 -5.69
N ALA B 28 -14.26 -7.40 -4.53
CA ALA B 28 -14.69 -6.64 -3.36
C ALA B 28 -14.30 -5.18 -3.46
N VAL B 29 -13.23 -4.88 -4.20
CA VAL B 29 -12.73 -3.52 -4.37
C VAL B 29 -12.76 -3.20 -5.87
N THR B 30 -13.09 -1.95 -6.19
CA THR B 30 -13.23 -1.53 -7.58
C THR B 30 -11.95 -1.79 -8.36
N VAL B 31 -12.09 -2.42 -9.52
CA VAL B 31 -10.99 -2.70 -10.43
C VAL B 31 -11.14 -1.80 -11.64
N SER B 32 -10.05 -1.14 -12.04
CA SER B 32 -10.12 -0.24 -13.19
C SER B 32 -10.19 -1.02 -14.50
N TYR B 33 -9.38 -2.07 -14.64
CA TYR B 33 -9.38 -2.87 -15.84
C TYR B 33 -8.79 -4.23 -15.52
N TYR B 34 -9.07 -5.19 -16.38
CA TYR B 34 -8.54 -6.55 -16.25
C TYR B 34 -7.57 -6.81 -17.40
N ARG B 35 -6.43 -7.39 -17.07
CA ARG B 35 -5.40 -7.72 -18.06
C ARG B 35 -5.38 -9.22 -18.24
N ILE B 36 -5.75 -9.69 -19.43
CA ILE B 36 -5.84 -11.10 -19.74
C ILE B 36 -4.71 -11.45 -20.70
N THR B 37 -3.93 -12.47 -20.33
CA THR B 37 -2.80 -12.93 -21.15
C THR B 37 -3.02 -14.40 -21.45
N TYR B 38 -3.25 -14.74 -22.72
CA TYR B 38 -3.49 -16.10 -23.14
C TYR B 38 -2.46 -16.54 -24.16
N GLY B 39 -2.11 -17.82 -24.10
CA GLY B 39 -1.17 -18.40 -25.04
C GLY B 39 -1.09 -19.89 -24.83
N GLU B 40 -0.37 -20.55 -25.74
CA GLU B 40 -0.18 -21.99 -25.63
C GLU B 40 0.60 -22.32 -24.36
N THR B 41 0.13 -23.33 -23.64
CA THR B 41 0.76 -23.73 -22.39
C THR B 41 2.14 -24.32 -22.68
N GLY B 42 3.17 -23.79 -22.01
CA GLY B 42 4.53 -24.24 -22.24
C GLY B 42 4.98 -24.05 -23.68
N GLY B 43 4.59 -22.95 -24.30
CA GLY B 43 4.94 -22.66 -25.68
C GLY B 43 5.94 -21.51 -25.75
N ASN B 44 6.86 -21.60 -26.72
CA ASN B 44 7.87 -20.56 -26.87
C ASN B 44 7.31 -19.27 -27.43
N SER B 45 6.19 -19.32 -28.14
CA SER B 45 5.62 -18.12 -28.72
C SER B 45 5.16 -17.17 -27.62
N PRO B 46 5.29 -15.86 -27.83
CA PRO B 46 4.82 -14.90 -26.83
C PRO B 46 3.32 -14.97 -26.66
N VAL B 47 2.87 -14.70 -25.43
CA VAL B 47 1.44 -14.72 -25.14
C VAL B 47 0.77 -13.50 -25.76
N GLN B 48 -0.53 -13.64 -26.02
CA GLN B 48 -1.35 -12.53 -26.48
C GLN B 48 -2.00 -11.86 -25.27
N GLU B 49 -2.06 -10.53 -25.30
CA GLU B 49 -2.54 -9.75 -24.16
C GLU B 49 -3.59 -8.75 -24.62
N PHE B 50 -4.57 -8.52 -23.77
CA PHE B 50 -5.57 -7.47 -24.00
C PHE B 50 -6.18 -7.11 -22.65
N THR B 51 -6.82 -5.95 -22.61
CA THR B 51 -7.46 -5.45 -21.40
C THR B 51 -8.94 -5.20 -21.64
N VAL B 52 -9.75 -5.55 -20.65
CA VAL B 52 -11.17 -5.22 -20.64
C VAL B 52 -11.40 -4.27 -19.47
N PRO B 53 -12.42 -3.41 -19.52
CA PRO B 53 -12.69 -2.53 -18.39
C PRO B 53 -13.12 -3.30 -17.16
N GLY B 54 -12.92 -2.68 -16.00
CA GLY B 54 -13.17 -3.36 -14.73
C GLY B 54 -14.63 -3.57 -14.40
N SER B 55 -15.53 -2.91 -15.12
CA SER B 55 -16.96 -3.15 -14.91
C SER B 55 -17.41 -4.47 -15.56
N LYS B 56 -16.59 -5.05 -16.43
CA LYS B 56 -16.94 -6.29 -17.09
C LYS B 56 -16.65 -7.48 -16.16
N SER B 57 -17.19 -8.63 -16.54
CA SER B 57 -16.93 -9.87 -15.83
C SER B 57 -16.64 -11.04 -16.77
N THR B 58 -16.69 -10.82 -18.08
CA THR B 58 -16.47 -11.88 -19.05
C THR B 58 -15.55 -11.36 -20.16
N ALA B 59 -14.86 -12.29 -20.81
CA ALA B 59 -13.98 -11.95 -21.92
C ALA B 59 -13.95 -13.11 -22.91
N THR B 60 -14.03 -12.79 -24.19
CA THR B 60 -14.03 -13.78 -25.25
C THR B 60 -12.73 -13.68 -26.03
N ILE B 61 -12.06 -14.82 -26.22
CA ILE B 61 -10.85 -14.91 -27.01
C ILE B 61 -11.12 -15.82 -28.20
N SER B 62 -10.65 -15.42 -29.37
CA SER B 62 -10.91 -16.13 -30.61
C SER B 62 -9.59 -16.59 -31.23
N GLY B 63 -9.68 -17.18 -32.42
CA GLY B 63 -8.50 -17.64 -33.14
C GLY B 63 -7.74 -18.73 -32.42
N LEU B 64 -8.45 -19.69 -31.83
CA LEU B 64 -7.85 -20.74 -31.03
C LEU B 64 -7.83 -22.04 -31.81
N SER B 65 -6.65 -22.64 -31.95
CA SER B 65 -6.52 -23.89 -32.68
C SER B 65 -7.01 -25.04 -31.82
N PRO B 66 -7.92 -25.88 -32.32
CA PRO B 66 -8.44 -26.99 -31.51
C PRO B 66 -7.37 -28.02 -31.22
N GLY B 67 -7.52 -28.68 -30.08
CA GLY B 67 -6.58 -29.70 -29.66
C GLY B 67 -5.28 -29.19 -29.08
N VAL B 68 -5.17 -27.89 -28.84
CA VAL B 68 -3.94 -27.27 -28.33
C VAL B 68 -4.24 -26.72 -26.94
N ASP B 69 -3.36 -27.02 -25.99
CA ASP B 69 -3.50 -26.52 -24.64
C ASP B 69 -3.30 -25.01 -24.60
N TYR B 70 -4.06 -24.34 -23.73
CA TYR B 70 -3.95 -22.90 -23.55
C TYR B 70 -3.87 -22.58 -22.06
N THR B 71 -3.09 -21.56 -21.73
CA THR B 71 -3.00 -21.03 -20.38
C THR B 71 -3.51 -19.60 -20.38
N ILE B 72 -4.43 -19.30 -19.47
CA ILE B 72 -5.06 -17.99 -19.39
C ILE B 72 -4.80 -17.41 -18.01
N THR B 73 -4.31 -16.18 -17.98
CA THR B 73 -4.02 -15.46 -16.74
C THR B 73 -4.77 -14.13 -16.75
N VAL B 74 -5.40 -13.79 -15.64
CA VAL B 74 -6.17 -12.56 -15.49
C VAL B 74 -5.54 -11.73 -14.38
N TYR B 75 -5.22 -10.48 -14.69
CA TYR B 75 -4.72 -9.51 -13.72
C TYR B 75 -5.83 -8.51 -13.41
N ALA B 76 -6.07 -8.27 -12.13
CA ALA B 76 -7.05 -7.27 -11.70
C ALA B 76 -6.26 -6.05 -11.24
N ARG B 77 -6.29 -5.00 -12.05
CA ARG B 77 -5.51 -3.79 -11.79
C ARG B 77 -6.40 -2.75 -11.13
N SER B 78 -6.14 -2.47 -9.86
CA SER B 78 -6.89 -1.48 -9.10
C SER B 78 -5.92 -0.49 -8.47
N ALA B 79 -6.42 0.71 -8.18
CA ALA B 79 -5.63 1.73 -7.49
C ALA B 79 -5.49 1.45 -6.01
N TYR B 80 -6.03 0.35 -5.50
CA TYR B 80 -6.10 0.12 -4.07
C TYR B 80 -5.47 -1.19 -3.63
N HIS B 81 -4.85 -1.93 -4.55
CA HIS B 81 -4.14 -3.15 -4.20
C HIS B 81 -3.22 -3.53 -5.34
N ARG B 82 -2.35 -4.50 -5.07
CA ARG B 82 -1.44 -5.07 -6.05
C ARG B 82 -1.44 -6.60 -5.93
N ARG B 83 -2.63 -7.18 -5.86
CA ARG B 83 -2.76 -8.60 -5.58
C ARG B 83 -2.29 -9.43 -6.78
N SER B 84 -1.99 -10.70 -6.50
CA SER B 84 -1.48 -11.60 -7.51
C SER B 84 -2.56 -11.93 -8.54
N PRO B 85 -2.15 -12.35 -9.73
CA PRO B 85 -3.12 -12.80 -10.73
C PRO B 85 -3.54 -14.25 -10.49
N ILE B 86 -4.54 -14.68 -11.25
CA ILE B 86 -5.01 -16.06 -11.22
C ILE B 86 -4.86 -16.64 -12.63
N SER B 87 -4.44 -17.89 -12.70
CA SER B 87 -4.15 -18.55 -13.97
C SER B 87 -4.93 -19.86 -14.06
N ILE B 88 -5.36 -20.19 -15.28
CA ILE B 88 -6.09 -21.42 -15.54
C ILE B 88 -5.53 -22.05 -16.81
N ASN B 89 -5.70 -23.37 -16.92
CA ASN B 89 -5.28 -24.13 -18.08
C ASN B 89 -6.51 -24.74 -18.75
N TYR B 90 -6.64 -24.55 -20.06
CA TYR B 90 -7.72 -25.13 -20.83
C TYR B 90 -7.14 -25.83 -22.05
N ARG B 91 -7.60 -27.05 -22.29
CA ARG B 91 -7.16 -27.85 -23.43
C ARG B 91 -8.31 -27.92 -24.43
N THR B 92 -8.14 -27.25 -25.57
CA THR B 92 -9.16 -27.22 -26.60
C THR B 92 -9.22 -28.53 -27.38
PB GDP C . -6.24 -2.09 19.47
O1B GDP C . -5.34 -0.92 19.20
O2B GDP C . -6.62 -2.08 20.92
O3B GDP C . -5.51 -3.37 19.15
O3A GDP C . -7.57 -1.95 18.59
PA GDP C . -7.61 -2.32 17.02
O1A GDP C . -6.27 -2.14 16.36
O2A GDP C . -8.08 -3.75 16.85
O5' GDP C . -8.70 -1.30 16.43
C5' GDP C . -8.30 0.02 16.08
C4' GDP C . -8.86 0.41 14.72
O4' GDP C . -8.19 -0.33 13.72
C3' GDP C . -10.34 0.10 14.59
O3' GDP C . -11.10 1.30 14.70
C2' GDP C . -10.49 -0.49 13.20
O2' GDP C . -11.13 0.46 12.36
C1' GDP C . -9.09 -0.73 12.69
N9 GDP C . -8.87 -2.17 12.42
C8 GDP C . -9.29 -3.20 13.18
N7 GDP C . -8.91 -4.38 12.66
C5 GDP C . -8.24 -4.13 11.52
C6 GDP C . -7.57 -4.94 10.48
O6 GDP C . -7.55 -6.18 10.54
N1 GDP C . -6.99 -4.29 9.47
C2 GDP C . -6.99 -2.94 9.38
N2 GDP C . -6.37 -2.37 8.32
N3 GDP C . -7.58 -2.14 10.30
C4 GDP C . -8.21 -2.68 11.37
#